data_4JCC
#
_entry.id   4JCC
#
_cell.length_a   52.751
_cell.length_b   44.685
_cell.length_c   58.792
_cell.angle_alpha   90.00
_cell.angle_beta   106.65
_cell.angle_gamma   90.00
#
_symmetry.space_group_name_H-M   'P 1 21 1'
#
loop_
_entity.id
_entity.type
_entity.pdbx_description
1 polymer 'Iron-compound ABC transporter, iron-compound-binding protein'
2 non-polymer 'CHLORIDE ION'
3 non-polymer 'SULFATE ION'
4 non-polymer 'ISOPROPYL ALCOHOL'
5 water water
#
_entity_poly.entity_id   1
_entity_poly.type   'polypeptide(L)'
_entity_poly.pdbx_seq_one_letter_code
;GSAPTEVTIKSSLDEVKLSKVPEKIVTFDLGAADTIRALGFAKNIVGMPTKTVPTYLKDLVGTVKNVGSMKEPDLEAIAA
LEPDLIIASPRTQKFVDKFKEIAPTVLFQASKDDYWTSTKANIESLASAFGETGTQKAKEELAKLDESIQEVATKNESSD
KKALAILLNEGKMAAFGAKSRFSFLYQTLKFKPTDTKFEDSRHGQEVSFESVKEINPDILFVINRTLAIGGDNSSNDGVL
ENALIAETPAAKNGKIIQLTPDLWYLSGGGLESTKLMIEDIQKALK
;
_entity_poly.pdbx_strand_id   A
#
loop_
_chem_comp.id
_chem_comp.type
_chem_comp.name
_chem_comp.formula
CL non-polymer 'CHLORIDE ION' 'Cl -1'
IPA non-polymer 'ISOPROPYL ALCOHOL' 'C3 H8 O'
SO4 non-polymer 'SULFATE ION' 'O4 S -2'
#
# COMPACT_ATOMS: atom_id res chain seq x y z
N SER A 2 14.55 -4.47 33.64
CA SER A 2 13.52 -4.50 32.60
C SER A 2 13.06 -5.93 32.37
N ALA A 3 11.80 -6.09 31.99
CA ALA A 3 11.23 -7.42 31.76
C ALA A 3 11.87 -8.10 30.56
N PRO A 4 11.97 -9.42 30.60
CA PRO A 4 12.59 -10.10 29.46
C PRO A 4 11.79 -9.97 28.17
N THR A 5 12.50 -10.01 27.06
CA THR A 5 11.90 -9.89 25.74
C THR A 5 11.14 -11.15 25.36
N GLU A 6 9.91 -10.96 24.89
CA GLU A 6 9.11 -12.06 24.35
C GLU A 6 8.85 -11.98 22.85
N VAL A 7 8.80 -10.76 22.30
CA VAL A 7 8.64 -10.56 20.86
C VAL A 7 9.60 -9.47 20.38
N THR A 8 10.03 -9.60 19.14
CA THR A 8 10.90 -8.62 18.49
C THR A 8 10.37 -8.27 17.11
N ILE A 9 10.53 -7.01 16.74
CA ILE A 9 9.99 -6.49 15.50
C ILE A 9 11.09 -5.69 14.80
N LYS A 10 11.63 -6.27 13.75
CA LYS A 10 12.60 -5.58 12.90
C LYS A 10 11.89 -4.76 11.84
N SER A 11 12.49 -3.63 11.50
CA SER A 11 11.96 -2.73 10.50
C SER A 11 13.10 -1.83 10.01
N SER A 12 12.77 -0.71 9.38
CA SER A 12 13.80 0.24 9.00
C SER A 12 14.38 0.99 10.21
N LEU A 13 13.63 1.01 11.30
CA LEU A 13 14.10 1.61 12.55
C LEU A 13 14.85 0.60 13.41
N ASP A 14 15.35 1.05 14.54
CA ASP A 14 15.98 0.17 15.51
C ASP A 14 14.99 -0.97 15.86
N GLU A 15 15.51 -2.17 16.02
CA GLU A 15 14.67 -3.32 16.38
C GLU A 15 13.93 -3.04 17.68
N VAL A 16 12.63 -3.32 17.68
N VAL A 16 12.63 -3.33 17.70
CA VAL A 16 11.78 -3.16 18.84
CA VAL A 16 11.82 -3.12 18.89
C VAL A 16 11.75 -4.50 19.59
C VAL A 16 11.59 -4.45 19.61
N LYS A 17 11.89 -4.45 20.91
CA LYS A 17 11.83 -5.64 21.75
C LYS A 17 10.81 -5.39 22.85
N LEU A 18 9.78 -6.22 22.91
CA LEU A 18 8.69 -6.06 23.87
C LEU A 18 8.58 -7.28 24.76
N SER A 19 8.10 -7.06 25.99
CA SER A 19 8.03 -8.12 26.97
C SER A 19 6.72 -8.93 26.91
N LYS A 20 5.82 -8.56 26.00
CA LYS A 20 4.53 -9.21 25.85
C LYS A 20 3.93 -8.72 24.53
N VAL A 21 2.90 -9.41 24.06
CA VAL A 21 2.18 -8.99 22.86
C VAL A 21 1.60 -7.60 23.06
N PRO A 22 1.82 -6.67 22.13
CA PRO A 22 1.25 -5.32 22.27
C PRO A 22 -0.26 -5.33 22.07
N GLU A 23 -0.96 -4.71 23.01
CA GLU A 23 -2.42 -4.66 23.12
CA GLU A 23 -2.40 -4.67 22.91
C GLU A 23 -2.98 -3.29 22.73
N LYS A 24 -2.12 -2.29 22.62
CA LYS A 24 -2.54 -0.92 22.36
C LYS A 24 -1.68 -0.33 21.25
N ILE A 25 -2.03 -0.61 20.01
CA ILE A 25 -1.22 -0.24 18.87
C ILE A 25 -1.81 0.98 18.19
N VAL A 26 -0.95 1.93 17.86
CA VAL A 26 -1.32 3.05 16.99
C VAL A 26 -0.61 2.86 15.66
N THR A 27 -1.32 2.95 14.54
CA THR A 27 -0.69 2.78 13.24
C THR A 27 -1.10 3.85 12.24
N PHE A 28 -0.08 4.40 11.58
CA PHE A 28 -0.23 5.27 10.41
C PHE A 28 0.01 4.52 9.11
N ASP A 29 0.34 3.24 9.19
CA ASP A 29 0.56 2.35 8.05
C ASP A 29 -0.71 1.53 7.88
N LEU A 30 -1.46 1.78 6.82
CA LEU A 30 -2.75 1.13 6.65
C LEU A 30 -2.60 -0.33 6.23
N GLY A 31 -1.55 -0.66 5.48
CA GLY A 31 -1.26 -2.07 5.18
C GLY A 31 -1.01 -2.86 6.45
N ALA A 32 -0.27 -2.26 7.37
CA ALA A 32 -0.02 -2.91 8.65
C ALA A 32 -1.32 -3.10 9.42
N ALA A 33 -2.19 -2.09 9.41
CA ALA A 33 -3.50 -2.27 10.03
C ALA A 33 -4.23 -3.46 9.45
N ASP A 34 -4.21 -3.59 8.12
CA ASP A 34 -4.94 -4.67 7.49
C ASP A 34 -4.31 -6.03 7.74
N THR A 35 -2.99 -6.08 7.91
CA THR A 35 -2.34 -7.31 8.33
C THR A 35 -2.79 -7.71 9.73
N ILE A 36 -2.73 -6.77 10.66
CA ILE A 36 -3.11 -7.03 12.05
C ILE A 36 -4.54 -7.58 12.11
N ARG A 37 -5.45 -6.97 11.37
CA ARG A 37 -6.81 -7.44 11.34
C ARG A 37 -6.93 -8.82 10.70
N ALA A 38 -6.23 -9.06 9.61
CA ALA A 38 -6.27 -10.36 8.96
C ALA A 38 -5.76 -11.49 9.86
N LEU A 39 -4.84 -11.18 10.77
CA LEU A 39 -4.28 -12.15 11.69
C LEU A 39 -5.19 -12.43 12.88
N GLY A 40 -6.25 -11.65 13.04
CA GLY A 40 -7.19 -11.83 14.14
C GLY A 40 -6.99 -10.90 15.32
N PHE A 41 -6.19 -9.86 15.16
CA PHE A 41 -5.80 -8.98 16.25
C PHE A 41 -6.23 -7.52 16.06
N ALA A 42 -7.29 -7.30 15.29
CA ALA A 42 -7.79 -5.94 15.11
C ALA A 42 -8.09 -5.24 16.42
N LYS A 43 -8.59 -5.96 17.43
CA LYS A 43 -8.93 -5.31 18.70
C LYS A 43 -7.71 -4.62 19.30
N ASN A 44 -6.52 -5.09 18.97
CA ASN A 44 -5.28 -4.53 19.51
C ASN A 44 -4.93 -3.17 18.94
N ILE A 45 -5.56 -2.77 17.84
CA ILE A 45 -5.36 -1.45 17.26
C ILE A 45 -6.28 -0.46 17.98
N VAL A 46 -5.67 0.52 18.63
CA VAL A 46 -6.43 1.52 19.38
C VAL A 46 -6.43 2.90 18.73
N GLY A 47 -5.51 3.16 17.80
CA GLY A 47 -5.48 4.44 17.12
C GLY A 47 -5.05 4.32 15.68
N MET A 48 -5.69 5.12 14.83
CA MET A 48 -5.37 5.17 13.40
CA MET A 48 -5.35 5.19 13.40
C MET A 48 -5.88 6.52 12.91
N PRO A 49 -5.20 7.12 11.93
CA PRO A 49 -5.78 8.33 11.33
C PRO A 49 -7.06 7.97 10.61
N THR A 50 -8.11 8.73 10.82
CA THR A 50 -9.36 8.43 10.16
C THR A 50 -9.81 9.50 9.15
N LYS A 51 -8.93 10.45 8.83
CA LYS A 51 -9.31 11.48 7.86
C LYS A 51 -9.59 10.91 6.46
N THR A 52 -8.74 9.99 6.02
CA THR A 52 -8.86 9.42 4.69
CA THR A 52 -8.90 9.39 4.69
C THR A 52 -8.60 7.91 4.78
N VAL A 53 -9.67 7.12 4.86
CA VAL A 53 -9.55 5.69 5.07
C VAL A 53 -10.10 4.95 3.85
N PRO A 54 -9.30 4.06 3.24
CA PRO A 54 -9.83 3.30 2.10
C PRO A 54 -11.07 2.50 2.50
N THR A 55 -11.99 2.38 1.56
CA THR A 55 -13.27 1.72 1.83
C THR A 55 -13.06 0.31 2.42
N TYR A 56 -12.07 -0.44 1.93
CA TYR A 56 -11.92 -1.82 2.42
C TYR A 56 -11.61 -1.87 3.92
N LEU A 57 -11.12 -0.76 4.47
CA LEU A 57 -10.75 -0.67 5.88
C LEU A 57 -11.76 0.09 6.74
N LYS A 58 -12.88 0.47 6.15
CA LYS A 58 -13.81 1.36 6.83
C LYS A 58 -14.28 0.84 8.18
N ASP A 59 -14.41 -0.47 8.34
CA ASP A 59 -14.95 -1.00 9.59
C ASP A 59 -13.98 -0.84 10.76
N LEU A 60 -12.72 -0.51 10.50
CA LEU A 60 -11.79 -0.23 11.60
C LEU A 60 -11.99 1.15 12.18
N VAL A 61 -12.64 2.06 11.47
CA VAL A 61 -12.82 3.39 12.00
C VAL A 61 -13.54 3.35 13.36
N GLY A 62 -14.61 2.57 13.46
CA GLY A 62 -15.38 2.52 14.68
C GLY A 62 -14.65 1.93 15.87
N THR A 63 -13.61 1.14 15.63
CA THR A 63 -12.94 0.47 16.73
C THR A 63 -11.69 1.18 17.24
N VAL A 64 -11.27 2.23 16.54
CA VAL A 64 -10.11 3.01 16.96
C VAL A 64 -10.50 4.39 17.40
N LYS A 65 -9.55 5.07 18.04
CA LYS A 65 -9.66 6.51 18.18
CA LYS A 65 -9.59 6.51 18.24
CA LYS A 65 -9.59 6.50 18.25
C LYS A 65 -8.82 7.18 17.10
N ASN A 66 -9.34 8.29 16.59
CA ASN A 66 -8.70 9.03 15.52
C ASN A 66 -7.42 9.70 16.02
N VAL A 67 -6.29 9.46 15.36
CA VAL A 67 -5.03 10.09 15.74
C VAL A 67 -4.50 11.04 14.65
N GLY A 68 -5.38 11.50 13.77
CA GLY A 68 -5.04 12.55 12.80
C GLY A 68 -5.24 12.19 11.34
N SER A 69 -4.28 12.59 10.51
CA SER A 69 -4.33 12.29 9.07
C SER A 69 -3.14 11.45 8.62
N MET A 70 -3.12 11.03 7.36
CA MET A 70 -2.08 10.13 6.87
CA MET A 70 -2.08 10.13 6.89
C MET A 70 -0.71 10.79 6.90
N LYS A 71 -0.69 12.13 6.96
CA LYS A 71 0.57 12.85 6.98
C LYS A 71 0.78 13.67 8.24
N GLU A 72 -0.26 13.84 9.04
CA GLU A 72 -0.21 14.75 10.20
C GLU A 72 -0.81 14.16 11.47
N PRO A 73 0.05 13.72 12.38
CA PRO A 73 -0.39 13.06 13.61
CA PRO A 73 -0.40 13.06 13.61
C PRO A 73 -0.88 14.03 14.69
N ASP A 74 -1.84 13.57 15.48
CA ASP A 74 -2.31 14.28 16.66
C ASP A 74 -1.57 13.68 17.85
N LEU A 75 -0.45 14.27 18.23
CA LEU A 75 0.44 13.67 19.21
C LEU A 75 -0.23 13.56 20.58
N GLU A 76 -1.06 14.53 20.93
CA GLU A 76 -1.82 14.49 22.17
C GLU A 76 -2.73 13.28 22.21
N ALA A 77 -3.44 13.04 21.11
CA ALA A 77 -4.37 11.92 21.02
C ALA A 77 -3.59 10.60 21.16
N ILE A 78 -2.42 10.55 20.54
CA ILE A 78 -1.60 9.34 20.59
C ILE A 78 -1.14 9.06 22.03
N ALA A 79 -0.61 10.07 22.72
CA ALA A 79 -0.17 9.87 24.09
C ALA A 79 -1.30 9.39 24.99
N ALA A 80 -2.48 9.94 24.79
CA ALA A 80 -3.63 9.64 25.64
C ALA A 80 -4.04 8.17 25.55
N LEU A 81 -3.73 7.53 24.42
CA LEU A 81 -4.05 6.12 24.19
C LEU A 81 -3.09 5.17 24.91
N GLU A 82 -2.02 5.71 25.49
CA GLU A 82 -1.03 4.89 26.19
C GLU A 82 -0.55 3.70 25.33
N PRO A 83 -0.14 3.96 24.09
CA PRO A 83 0.20 2.83 23.23
C PRO A 83 1.42 2.06 23.70
N ASP A 84 1.41 0.77 23.42
CA ASP A 84 2.62 0.00 23.64
CA ASP A 84 2.52 -0.17 23.58
C ASP A 84 3.44 -0.19 22.36
N LEU A 85 2.90 0.22 21.21
CA LEU A 85 3.63 0.18 19.94
C LEU A 85 3.04 1.23 19.02
N ILE A 86 3.89 2.00 18.34
CA ILE A 86 3.46 2.91 17.29
C ILE A 86 4.09 2.43 15.99
N ILE A 87 3.26 2.26 14.98
CA ILE A 87 3.71 1.90 13.65
C ILE A 87 3.63 3.19 12.81
N ALA A 88 4.81 3.76 12.57
CA ALA A 88 4.93 4.93 11.71
C ALA A 88 4.82 4.48 10.26
N SER A 89 4.99 5.41 9.33
CA SER A 89 4.90 5.14 7.91
C SER A 89 5.89 6.04 7.20
N PRO A 90 6.24 5.72 5.95
CA PRO A 90 7.10 6.64 5.20
C PRO A 90 6.56 8.08 5.23
N ARG A 91 5.26 8.25 5.04
CA ARG A 91 4.63 9.57 5.06
C ARG A 91 4.80 10.31 6.39
N THR A 92 4.91 9.57 7.49
CA THR A 92 5.02 10.16 8.82
C THR A 92 6.42 10.03 9.43
N GLN A 93 7.41 9.73 8.59
CA GLN A 93 8.75 9.53 9.11
C GLN A 93 9.29 10.76 9.84
N LYS A 94 8.87 11.96 9.41
CA LYS A 94 9.32 13.19 10.05
C LYS A 94 8.89 13.29 11.53
N PHE A 95 7.95 12.45 11.96
CA PHE A 95 7.45 12.49 13.33
C PHE A 95 7.98 11.35 14.19
N VAL A 96 8.90 10.54 13.66
CA VAL A 96 9.39 9.38 14.39
C VAL A 96 10.01 9.74 15.74
N ASP A 97 10.73 10.86 15.83
CA ASP A 97 11.30 11.24 17.13
C ASP A 97 10.18 11.50 18.16
N LYS A 98 9.12 12.17 17.74
CA LYS A 98 7.99 12.45 18.63
C LYS A 98 7.27 11.16 19.02
N PHE A 99 7.12 10.25 18.07
CA PHE A 99 6.51 8.96 18.36
C PHE A 99 7.33 8.20 19.42
N LYS A 100 8.65 8.18 19.26
CA LYS A 100 9.49 7.43 20.18
CA LYS A 100 9.52 7.46 20.19
C LYS A 100 9.45 7.97 21.62
N GLU A 101 9.15 9.26 21.79
CA GLU A 101 8.97 9.82 23.13
C GLU A 101 7.78 9.20 23.84
N ILE A 102 6.84 8.65 23.06
CA ILE A 102 5.61 8.10 23.61
C ILE A 102 5.69 6.57 23.76
N ALA A 103 6.21 5.87 22.75
CA ALA A 103 6.25 4.41 22.77
C ALA A 103 7.25 3.88 21.77
N PRO A 104 7.64 2.60 21.93
CA PRO A 104 8.46 1.96 20.89
C PRO A 104 7.81 2.09 19.51
N THR A 105 8.63 2.42 18.51
CA THR A 105 8.12 2.79 17.20
C THR A 105 8.85 1.98 16.12
N VAL A 106 8.08 1.47 15.16
CA VAL A 106 8.61 0.78 13.99
C VAL A 106 8.18 1.51 12.72
N LEU A 107 8.87 1.26 11.62
CA LEU A 107 8.50 1.84 10.33
C LEU A 107 8.97 0.87 9.26
N PHE A 108 8.02 0.27 8.56
CA PHE A 108 8.33 -0.73 7.54
C PHE A 108 8.58 -0.05 6.19
N GLN A 109 9.68 -0.44 5.55
CA GLN A 109 10.03 0.02 4.20
C GLN A 109 10.17 -1.20 3.30
N ALA A 110 9.73 -1.07 2.05
CA ALA A 110 9.95 -2.11 1.06
C ALA A 110 11.07 -1.71 0.13
N SER A 111 11.77 -2.71 -0.39
CA SER A 111 12.67 -2.47 -1.52
C SER A 111 11.87 -2.21 -2.80
N LYS A 112 12.34 -1.31 -3.67
CA LYS A 112 11.70 -1.15 -4.97
C LYS A 112 12.18 -2.20 -5.97
N ASP A 113 13.29 -2.85 -5.63
CA ASP A 113 13.78 -4.00 -6.39
C ASP A 113 13.01 -5.26 -5.98
N ASP A 114 13.38 -5.82 -4.82
CA ASP A 114 12.78 -7.06 -4.36
C ASP A 114 11.58 -6.71 -3.50
N TYR A 115 10.55 -6.19 -4.16
CA TYR A 115 9.36 -5.72 -3.48
C TYR A 115 8.74 -6.82 -2.63
N TRP A 116 8.52 -8.00 -3.20
CA TRP A 116 7.73 -9.02 -2.51
C TRP A 116 8.51 -9.71 -1.38
N THR A 117 9.78 -10.01 -1.60
CA THR A 117 10.58 -10.60 -0.53
C THR A 117 10.66 -9.65 0.66
N SER A 118 10.89 -8.36 0.40
CA SER A 118 11.00 -7.40 1.49
C SER A 118 9.64 -7.17 2.17
N THR A 119 8.57 -7.14 1.38
CA THR A 119 7.23 -6.96 1.94
C THR A 119 6.86 -8.16 2.82
N LYS A 120 7.13 -9.37 2.35
CA LYS A 120 6.89 -10.55 3.18
C LYS A 120 7.69 -10.51 4.48
N ALA A 121 8.95 -10.08 4.41
CA ALA A 121 9.73 -9.98 5.64
C ALA A 121 9.06 -9.01 6.62
N ASN A 122 8.56 -7.89 6.13
CA ASN A 122 7.86 -6.93 6.98
C ASN A 122 6.57 -7.49 7.57
N ILE A 123 5.80 -8.20 6.74
CA ILE A 123 4.57 -8.85 7.22
C ILE A 123 4.89 -9.86 8.31
N GLU A 124 5.91 -10.69 8.10
CA GLU A 124 6.31 -11.70 9.08
CA GLU A 124 6.25 -11.70 9.08
C GLU A 124 6.81 -11.08 10.38
N SER A 125 7.58 -10.00 10.27
CA SER A 125 8.05 -9.30 11.45
C SER A 125 6.88 -8.76 12.28
N LEU A 126 5.97 -8.06 11.61
CA LEU A 126 4.79 -7.55 12.31
C LEU A 126 3.96 -8.70 12.91
N ALA A 127 3.76 -9.76 12.14
CA ALA A 127 2.94 -10.87 12.61
C ALA A 127 3.51 -11.49 13.88
N SER A 128 4.85 -11.52 13.98
CA SER A 128 5.51 -12.10 15.12
C SER A 128 5.26 -11.30 16.41
N ALA A 129 4.80 -10.06 16.29
CA ALA A 129 4.43 -9.29 17.49
C ALA A 129 3.27 -9.95 18.23
N PHE A 130 2.53 -10.80 17.54
CA PHE A 130 1.37 -11.49 18.12
C PHE A 130 1.68 -12.95 18.44
N GLY A 131 2.96 -13.24 18.62
CA GLY A 131 3.39 -14.56 19.07
C GLY A 131 3.26 -15.63 18.01
N GLU A 132 3.30 -16.88 18.45
CA GLU A 132 3.15 -17.99 17.55
C GLU A 132 1.82 -17.93 16.77
N THR A 133 0.76 -17.46 17.40
CA THR A 133 -0.51 -17.39 16.68
C THR A 133 -0.39 -16.48 15.45
N GLY A 134 0.19 -15.31 15.64
CA GLY A 134 0.42 -14.41 14.54
C GLY A 134 1.34 -14.98 13.47
N THR A 135 2.45 -15.54 13.91
CA THR A 135 3.42 -16.10 12.96
C THR A 135 2.83 -17.24 12.13
N GLN A 136 2.11 -18.14 12.79
CA GLN A 136 1.49 -19.25 12.07
C GLN A 136 0.46 -18.76 11.05
N LYS A 137 -0.43 -17.88 11.48
CA LYS A 137 -1.49 -17.38 10.60
CA LYS A 137 -1.46 -17.42 10.57
C LYS A 137 -0.88 -16.66 9.39
N ALA A 138 0.18 -15.89 9.62
CA ALA A 138 0.84 -15.23 8.50
C ALA A 138 1.45 -16.22 7.52
N LYS A 139 2.06 -17.30 8.01
CA LYS A 139 2.60 -18.31 7.09
C LYS A 139 1.52 -18.89 6.21
N GLU A 140 0.37 -19.20 6.79
CA GLU A 140 -0.76 -19.75 6.06
C GLU A 140 -1.24 -18.79 4.99
N GLU A 141 -1.44 -17.54 5.38
CA GLU A 141 -1.97 -16.55 4.44
C GLU A 141 -0.96 -16.17 3.36
N LEU A 142 0.31 -16.08 3.73
CA LEU A 142 1.34 -15.77 2.74
C LEU A 142 1.50 -16.88 1.71
N ALA A 143 1.29 -18.14 2.12
CA ALA A 143 1.37 -19.25 1.17
C ALA A 143 0.32 -19.10 0.08
N LYS A 144 -0.89 -18.69 0.45
CA LYS A 144 -1.93 -18.47 -0.54
C LYS A 144 -1.58 -17.32 -1.45
N LEU A 145 -1.03 -16.23 -0.90
CA LEU A 145 -0.63 -15.11 -1.73
C LEU A 145 0.49 -15.51 -2.69
N ASP A 146 1.47 -16.28 -2.23
CA ASP A 146 2.56 -16.74 -3.09
C ASP A 146 2.02 -17.54 -4.27
N GLU A 147 1.04 -18.39 -4.03
CA GLU A 147 0.46 -19.19 -5.10
C GLU A 147 -0.30 -18.31 -6.10
N SER A 148 -1.09 -17.36 -5.59
CA SER A 148 -1.84 -16.44 -6.46
C SER A 148 -0.90 -15.60 -7.32
N ILE A 149 0.18 -15.12 -6.70
CA ILE A 149 1.20 -14.37 -7.41
C ILE A 149 1.84 -15.20 -8.52
N GLN A 150 2.18 -16.45 -8.23
CA GLN A 150 2.80 -17.28 -9.25
C GLN A 150 1.84 -17.50 -10.42
N GLU A 151 0.55 -17.70 -10.14
CA GLU A 151 -0.43 -17.92 -11.20
C GLU A 151 -0.55 -16.71 -12.11
N VAL A 152 -0.54 -15.51 -11.54
CA VAL A 152 -0.57 -14.29 -12.33
C VAL A 152 0.71 -14.15 -13.15
N ALA A 153 1.85 -14.34 -12.50
CA ALA A 153 3.14 -14.20 -13.16
C ALA A 153 3.27 -15.16 -14.33
N THR A 154 2.82 -16.39 -14.17
CA THR A 154 2.85 -17.37 -15.25
C THR A 154 2.04 -16.93 -16.46
N LYS A 155 0.84 -16.41 -16.20
CA LYS A 155 0.03 -15.89 -17.29
C LYS A 155 0.73 -14.73 -18.00
N ASN A 156 1.27 -13.79 -17.23
CA ASN A 156 1.98 -12.68 -17.85
C ASN A 156 3.21 -13.12 -18.63
N GLU A 157 3.91 -14.13 -18.13
CA GLU A 157 5.10 -14.63 -18.80
C GLU A 157 4.77 -15.31 -20.14
N SER A 158 3.51 -15.68 -20.33
CA SER A 158 3.07 -16.26 -21.59
C SER A 158 2.64 -15.21 -22.61
N SER A 159 2.65 -13.94 -22.21
CA SER A 159 2.17 -12.84 -23.04
C SER A 159 3.36 -11.97 -23.47
N ASP A 160 3.15 -11.13 -24.48
CA ASP A 160 4.14 -10.08 -24.80
C ASP A 160 3.59 -8.66 -24.65
N LYS A 161 2.43 -8.53 -24.03
CA LYS A 161 1.83 -7.21 -23.85
C LYS A 161 2.66 -6.34 -22.91
N LYS A 162 2.73 -5.06 -23.24
CA LYS A 162 3.43 -4.08 -22.42
C LYS A 162 2.43 -3.16 -21.73
N ALA A 163 2.69 -2.89 -20.46
CA ALA A 163 1.77 -2.16 -19.61
C ALA A 163 2.37 -0.85 -19.13
N LEU A 164 1.61 0.23 -19.34
CA LEU A 164 1.96 1.54 -18.81
C LEU A 164 1.11 1.80 -17.58
N ALA A 165 1.71 2.39 -16.56
CA ALA A 165 1.02 2.73 -15.32
C ALA A 165 1.05 4.24 -15.12
N ILE A 166 -0.14 4.83 -14.96
CA ILE A 166 -0.21 6.26 -14.71
C ILE A 166 -1.02 6.59 -13.47
N LEU A 167 -0.64 7.70 -12.85
CA LEU A 167 -1.43 8.35 -11.83
C LEU A 167 -2.15 9.52 -12.49
N LEU A 168 -3.42 9.65 -12.20
CA LEU A 168 -4.23 10.75 -12.68
C LEU A 168 -4.54 11.65 -11.49
N ASN A 169 -4.19 12.93 -11.61
CA ASN A 169 -4.38 13.89 -10.53
C ASN A 169 -4.85 15.23 -11.06
N GLU A 170 -6.10 15.56 -10.78
CA GLU A 170 -6.66 16.84 -11.22
C GLU A 170 -6.39 17.12 -12.70
N GLY A 171 -6.56 16.10 -13.53
CA GLY A 171 -6.39 16.23 -14.97
C GLY A 171 -4.97 16.09 -15.47
N LYS A 172 -4.02 15.84 -14.57
CA LYS A 172 -2.62 15.68 -14.95
C LYS A 172 -2.25 14.20 -14.90
N MET A 173 -1.56 13.72 -15.93
CA MET A 173 -1.11 12.33 -15.98
C MET A 173 0.35 12.24 -15.65
N ALA A 174 0.70 11.27 -14.80
CA ALA A 174 2.08 11.01 -14.45
C ALA A 174 2.35 9.53 -14.63
N ALA A 175 3.43 9.21 -15.34
CA ALA A 175 3.78 7.83 -15.59
C ALA A 175 4.83 7.34 -14.61
N PHE A 176 4.74 6.05 -14.29
CA PHE A 176 5.59 5.41 -13.30
C PHE A 176 6.28 4.18 -13.89
N GLY A 177 7.52 3.93 -13.47
CA GLY A 177 8.32 2.84 -14.01
C GLY A 177 8.21 1.53 -13.26
N ALA A 178 9.00 0.55 -13.67
CA ALA A 178 8.96 -0.79 -13.09
C ALA A 178 9.41 -0.81 -11.63
N LYS A 179 10.35 0.07 -11.29
CA LYS A 179 10.78 0.26 -9.91
C LYS A 179 10.23 1.60 -9.43
N SER A 180 9.10 1.56 -8.74
CA SER A 180 8.34 2.75 -8.40
C SER A 180 7.33 2.36 -7.33
N ARG A 181 6.45 3.26 -6.94
CA ARG A 181 5.44 2.94 -5.93
C ARG A 181 4.51 1.84 -6.43
N PHE A 182 4.57 1.51 -7.71
N PHE A 182 4.63 1.55 -7.74
CA PHE A 182 3.70 0.44 -8.21
CA PHE A 182 3.85 0.56 -8.51
C PHE A 182 4.53 -0.78 -8.68
C PHE A 182 4.46 -0.85 -8.51
N SER A 183 5.70 -0.94 -8.06
CA SER A 183 6.56 -2.13 -8.28
C SER A 183 5.87 -3.49 -8.20
N PHE A 184 4.85 -3.61 -7.37
CA PHE A 184 4.15 -4.88 -7.24
C PHE A 184 3.70 -5.38 -8.61
N LEU A 185 3.23 -4.48 -9.48
CA LEU A 185 2.75 -4.87 -10.80
C LEU A 185 3.83 -5.51 -11.65
N TYR A 186 5.03 -4.96 -11.59
CA TYR A 186 6.11 -5.32 -12.51
C TYR A 186 7.09 -6.31 -11.90
N GLN A 187 7.61 -6.00 -10.72
CA GLN A 187 8.60 -6.86 -10.08
C GLN A 187 7.97 -8.18 -9.62
N THR A 188 6.76 -8.10 -9.08
CA THR A 188 6.16 -9.26 -8.45
C THR A 188 5.21 -9.99 -9.37
N LEU A 189 4.25 -9.27 -9.96
CA LEU A 189 3.25 -9.90 -10.81
C LEU A 189 3.70 -10.12 -12.25
N LYS A 190 4.84 -9.52 -12.62
CA LYS A 190 5.47 -9.70 -13.92
C LYS A 190 4.65 -9.16 -15.09
N PHE A 191 3.82 -8.16 -14.86
CA PHE A 191 3.42 -7.33 -15.99
C PHE A 191 4.72 -6.75 -16.57
N LYS A 192 4.74 -6.52 -17.87
CA LYS A 192 5.95 -6.02 -18.52
C LYS A 192 5.87 -4.52 -18.70
N PRO A 193 6.93 -3.79 -18.33
CA PRO A 193 6.91 -2.35 -18.57
C PRO A 193 7.05 -2.03 -20.05
N THR A 194 6.66 -0.83 -20.42
CA THR A 194 6.91 -0.36 -21.77
C THR A 194 8.40 -0.07 -21.93
N ASP A 195 8.83 0.16 -23.17
CA ASP A 195 10.24 0.42 -23.45
C ASP A 195 10.67 1.82 -23.00
N THR A 196 9.70 2.63 -22.58
CA THR A 196 9.99 3.99 -22.14
C THR A 196 10.25 4.03 -20.63
N LYS A 197 11.41 4.55 -20.24
CA LYS A 197 11.78 4.64 -18.85
C LYS A 197 11.35 5.98 -18.26
N PHE A 198 10.90 5.97 -17.01
CA PHE A 198 10.37 7.18 -16.39
C PHE A 198 11.13 7.58 -15.14
N GLU A 199 11.55 8.85 -15.10
CA GLU A 199 12.23 9.39 -13.94
C GLU A 199 11.60 8.84 -12.68
N ASP A 200 12.34 8.02 -11.96
CA ASP A 200 11.82 7.38 -10.75
C ASP A 200 11.56 8.36 -9.62
N SER A 201 10.50 9.15 -9.77
CA SER A 201 10.03 10.03 -8.71
C SER A 201 8.75 9.43 -8.12
N ARG A 202 8.46 9.75 -6.87
CA ARG A 202 7.25 9.25 -6.22
C ARG A 202 5.97 9.84 -6.82
N HIS A 203 6.12 10.96 -7.54
CA HIS A 203 5.00 11.59 -8.21
C HIS A 203 5.01 11.28 -9.70
N GLY A 204 5.96 10.47 -10.14
CA GLY A 204 6.06 10.07 -11.52
C GLY A 204 6.54 11.17 -12.44
N GLN A 205 6.45 10.92 -13.74
CA GLN A 205 6.85 11.88 -14.77
C GLN A 205 5.63 12.30 -15.58
N GLU A 206 5.40 13.61 -15.71
CA GLU A 206 4.25 14.08 -16.47
C GLU A 206 4.34 13.59 -17.90
N VAL A 207 3.22 13.11 -18.42
CA VAL A 207 3.15 12.70 -19.82
C VAL A 207 1.97 13.39 -20.49
N SER A 208 2.16 13.72 -21.76
CA SER A 208 1.11 14.29 -22.57
C SER A 208 0.30 13.19 -23.26
N PHE A 209 -0.76 13.59 -23.97
CA PHE A 209 -1.52 12.66 -24.75
C PHE A 209 -0.66 12.07 -25.87
N GLU A 210 0.15 12.92 -26.51
CA GLU A 210 1.03 12.45 -27.55
C GLU A 210 2.02 11.42 -27.02
N SER A 211 2.53 11.63 -25.80
CA SER A 211 3.43 10.68 -25.18
CA SER A 211 3.45 10.68 -25.22
C SER A 211 2.79 9.30 -25.05
N VAL A 212 1.55 9.28 -24.56
CA VAL A 212 0.86 8.00 -24.38
C VAL A 212 0.65 7.31 -25.74
N LYS A 213 0.24 8.06 -26.76
CA LYS A 213 0.12 7.50 -28.10
C LYS A 213 1.44 6.88 -28.56
N GLU A 214 2.54 7.62 -28.37
CA GLU A 214 3.84 7.13 -28.84
C GLU A 214 4.31 5.88 -28.08
N ILE A 215 4.03 5.83 -26.80
CA ILE A 215 4.33 4.65 -26.00
C ILE A 215 3.52 3.44 -26.50
N ASN A 216 2.26 3.67 -26.86
CA ASN A 216 1.47 2.65 -27.52
C ASN A 216 1.27 1.42 -26.64
N PRO A 217 0.82 1.61 -25.39
CA PRO A 217 0.70 0.48 -24.48
C PRO A 217 -0.44 -0.47 -24.84
N ASP A 218 -0.24 -1.74 -24.50
CA ASP A 218 -1.24 -2.78 -24.65
C ASP A 218 -2.17 -2.90 -23.42
N ILE A 219 -1.67 -2.46 -22.26
CA ILE A 219 -2.43 -2.40 -21.01
C ILE A 219 -2.13 -1.04 -20.40
N LEU A 220 -3.16 -0.37 -19.88
CA LEU A 220 -2.98 0.91 -19.22
C LEU A 220 -3.58 0.85 -17.82
N PHE A 221 -2.72 0.77 -16.81
CA PHE A 221 -3.14 0.82 -15.41
C PHE A 221 -3.30 2.26 -15.00
N VAL A 222 -4.43 2.59 -14.40
CA VAL A 222 -4.72 3.95 -13.96
C VAL A 222 -5.04 3.96 -12.47
N ILE A 223 -4.30 4.78 -11.73
CA ILE A 223 -4.62 5.08 -10.33
C ILE A 223 -5.08 6.52 -10.26
N ASN A 224 -6.34 6.72 -9.92
CA ASN A 224 -6.92 8.05 -9.86
C ASN A 224 -6.76 8.62 -8.46
N ARG A 225 -5.75 9.47 -8.29
CA ARG A 225 -5.46 10.06 -6.98
C ARG A 225 -6.61 10.90 -6.47
N THR A 226 -7.25 11.63 -7.38
CA THR A 226 -8.32 12.52 -7.01
C THR A 226 -9.46 11.75 -6.33
N LEU A 227 -9.87 10.64 -6.94
CA LEU A 227 -10.89 9.80 -6.33
C LEU A 227 -10.39 9.18 -5.02
N ALA A 228 -9.11 8.82 -4.97
CA ALA A 228 -8.56 8.16 -3.78
C ALA A 228 -8.69 9.01 -2.54
N ILE A 229 -8.50 10.33 -2.70
CA ILE A 229 -8.48 11.23 -1.56
C ILE A 229 -9.78 12.03 -1.42
N GLY A 230 -10.77 11.73 -2.26
CA GLY A 230 -12.09 12.35 -2.15
C GLY A 230 -12.21 13.73 -2.77
N GLY A 231 -11.36 14.02 -3.75
CA GLY A 231 -11.39 15.30 -4.42
C GLY A 231 -12.46 15.41 -5.48
N ASP A 232 -12.58 16.59 -6.09
CA ASP A 232 -13.52 16.78 -7.18
C ASP A 232 -12.94 16.14 -8.43
N ASN A 233 -13.58 15.08 -8.90
CA ASN A 233 -13.06 14.31 -10.01
C ASN A 233 -13.36 14.97 -11.36
N SER A 234 -14.07 16.10 -11.32
CA SER A 234 -14.48 16.78 -12.56
CA SER A 234 -14.48 16.75 -12.56
C SER A 234 -13.28 17.13 -13.44
N SER A 235 -12.15 17.45 -12.82
CA SER A 235 -10.95 17.84 -13.55
C SER A 235 -10.38 16.70 -14.39
N ASN A 236 -10.76 15.48 -14.08
CA ASN A 236 -10.30 14.32 -14.84
C ASN A 236 -11.26 13.95 -15.97
N ASP A 237 -12.37 14.66 -16.08
CA ASP A 237 -13.35 14.36 -17.12
C ASP A 237 -12.70 14.46 -18.50
N GLY A 238 -12.88 13.43 -19.30
CA GLY A 238 -12.44 13.48 -20.69
C GLY A 238 -10.96 13.22 -20.91
N VAL A 239 -10.19 12.97 -19.86
CA VAL A 239 -8.76 12.72 -20.05
C VAL A 239 -8.53 11.35 -20.71
N LEU A 240 -9.03 10.29 -20.10
CA LEU A 240 -8.84 8.95 -20.68
C LEU A 240 -9.58 8.79 -22.00
N GLU A 241 -10.60 9.62 -22.20
CA GLU A 241 -11.40 9.58 -23.41
C GLU A 241 -10.79 10.36 -24.57
N ASN A 242 -9.68 11.06 -24.32
CA ASN A 242 -8.96 11.76 -25.39
C ASN A 242 -8.67 10.79 -26.52
N ALA A 243 -8.87 11.21 -27.77
CA ALA A 243 -8.72 10.32 -28.92
C ALA A 243 -7.38 9.61 -28.95
N LEU A 244 -6.33 10.26 -28.49
CA LEU A 244 -5.00 9.64 -28.54
C LEU A 244 -4.86 8.51 -27.53
N ILE A 245 -5.60 8.58 -26.44
CA ILE A 245 -5.63 7.46 -25.49
C ILE A 245 -6.65 6.41 -25.93
N ALA A 246 -7.79 6.87 -26.44
CA ALA A 246 -8.85 5.95 -26.86
C ALA A 246 -8.44 5.08 -28.05
N GLU A 247 -7.41 5.50 -28.79
CA GLU A 247 -6.91 4.77 -29.96
C GLU A 247 -5.71 3.90 -29.65
N THR A 248 -5.29 3.82 -28.39
CA THR A 248 -4.26 2.86 -28.03
C THR A 248 -4.83 1.45 -28.10
N PRO A 249 -3.95 0.47 -28.31
CA PRO A 249 -4.45 -0.90 -28.26
C PRO A 249 -5.02 -1.21 -26.87
N ALA A 250 -4.49 -0.62 -25.81
CA ALA A 250 -5.04 -0.82 -24.48
C ALA A 250 -6.53 -0.43 -24.44
N ALA A 251 -6.85 0.76 -24.91
CA ALA A 251 -8.23 1.23 -24.88
C ALA A 251 -9.14 0.35 -25.76
N LYS A 252 -8.71 0.10 -26.99
CA LYS A 252 -9.56 -0.58 -27.95
C LYS A 252 -9.85 -2.01 -27.52
N ASN A 253 -8.87 -2.59 -26.83
CA ASN A 253 -8.95 -3.99 -26.44
C ASN A 253 -9.48 -4.23 -25.05
N GLY A 254 -10.01 -3.20 -24.40
CA GLY A 254 -10.61 -3.34 -23.08
C GLY A 254 -9.60 -3.56 -21.98
N LYS A 255 -8.44 -2.91 -22.09
CA LYS A 255 -7.38 -3.02 -21.09
CA LYS A 255 -7.40 -3.03 -21.07
C LYS A 255 -6.96 -1.69 -20.48
N ILE A 256 -7.90 -0.73 -20.41
CA ILE A 256 -7.71 0.38 -19.49
C ILE A 256 -8.22 -0.10 -18.14
N ILE A 257 -7.32 -0.26 -17.18
CA ILE A 257 -7.64 -0.88 -15.90
C ILE A 257 -7.70 0.19 -14.84
N GLN A 258 -8.90 0.51 -14.39
CA GLN A 258 -9.04 1.51 -13.34
C GLN A 258 -8.93 0.84 -11.98
N LEU A 259 -7.72 0.87 -11.44
CA LEU A 259 -7.41 0.22 -10.17
C LEU A 259 -8.13 0.93 -9.03
N THR A 260 -8.61 0.18 -8.05
CA THR A 260 -9.38 0.78 -6.95
C THR A 260 -8.56 1.91 -6.34
N PRO A 261 -9.07 3.16 -6.40
CA PRO A 261 -8.15 4.26 -6.13
C PRO A 261 -7.60 4.31 -4.71
N ASP A 262 -8.47 4.23 -3.70
CA ASP A 262 -8.00 4.36 -2.35
C ASP A 262 -7.09 3.21 -1.90
N LEU A 263 -7.43 2.00 -2.28
CA LEU A 263 -6.61 0.83 -2.00
C LEU A 263 -5.17 1.02 -2.50
N TRP A 264 -5.04 1.40 -3.78
CA TRP A 264 -3.73 1.45 -4.41
C TRP A 264 -2.94 2.70 -4.05
N TYR A 265 -3.64 3.81 -3.81
CA TYR A 265 -2.94 5.05 -3.52
C TYR A 265 -2.60 5.21 -2.04
N LEU A 266 -3.47 4.73 -1.15
CA LEU A 266 -3.30 4.95 0.29
C LEU A 266 -2.79 3.75 1.06
N SER A 267 -2.83 2.57 0.46
CA SER A 267 -2.49 1.36 1.18
C SER A 267 -1.57 0.46 0.35
N GLY A 268 -1.55 -0.83 0.66
CA GLY A 268 -0.59 -1.77 0.11
C GLY A 268 0.33 -2.29 1.18
N GLY A 269 0.95 -3.43 0.89
CA GLY A 269 1.96 -4.00 1.76
C GLY A 269 1.42 -4.90 2.86
N GLY A 270 0.11 -5.08 2.93
CA GLY A 270 -0.50 -5.90 3.96
C GLY A 270 -1.11 -7.18 3.42
N LEU A 271 -1.48 -8.08 4.33
CA LEU A 271 -2.08 -9.32 3.89
C LEU A 271 -3.37 -9.13 3.07
N GLU A 272 -4.26 -8.29 3.58
CA GLU A 272 -5.53 -8.08 2.90
C GLU A 272 -5.38 -7.17 1.67
N SER A 273 -4.64 -6.08 1.81
CA SER A 273 -4.44 -5.21 0.66
C SER A 273 -3.76 -5.96 -0.50
N THR A 274 -2.78 -6.82 -0.23
CA THR A 274 -2.13 -7.56 -1.30
C THR A 274 -3.15 -8.48 -1.98
N LYS A 275 -3.96 -9.16 -1.18
CA LYS A 275 -5.00 -10.03 -1.71
CA LYS A 275 -5.00 -10.03 -1.71
C LYS A 275 -5.95 -9.27 -2.65
N LEU A 276 -6.41 -8.11 -2.21
CA LEU A 276 -7.35 -7.30 -2.98
C LEU A 276 -6.70 -6.73 -4.24
N MET A 277 -5.43 -6.36 -4.15
CA MET A 277 -4.69 -5.87 -5.30
CA MET A 277 -4.71 -5.89 -5.32
C MET A 277 -4.60 -6.94 -6.40
N ILE A 278 -4.30 -8.18 -6.00
CA ILE A 278 -4.25 -9.28 -6.95
C ILE A 278 -5.63 -9.49 -7.60
N GLU A 279 -6.70 -9.46 -6.81
CA GLU A 279 -8.05 -9.58 -7.36
C GLU A 279 -8.32 -8.48 -8.41
N ASP A 280 -7.86 -7.27 -8.11
CA ASP A 280 -8.14 -6.11 -8.96
C ASP A 280 -7.51 -6.22 -10.36
N ILE A 281 -6.42 -6.96 -10.46
CA ILE A 281 -5.73 -7.05 -11.75
C ILE A 281 -6.08 -8.30 -12.56
N GLN A 282 -6.98 -9.14 -12.07
CA GLN A 282 -7.37 -10.32 -12.86
C GLN A 282 -7.93 -9.92 -14.23
N LYS A 283 -8.68 -8.83 -14.26
CA LYS A 283 -9.27 -8.37 -15.51
C LYS A 283 -8.25 -7.82 -16.51
N ALA A 284 -7.00 -7.62 -16.10
CA ALA A 284 -5.92 -7.22 -17.00
C ALA A 284 -5.21 -8.37 -17.68
N LEU A 285 -5.52 -9.60 -17.26
CA LEU A 285 -4.84 -10.78 -17.78
C LEU A 285 -5.56 -11.27 -19.04
CL CL B . -0.54 16.20 -26.17
S SO4 C . -0.66 -11.63 -26.15
O1 SO4 C . -1.06 -11.72 -24.74
O2 SO4 C . -1.11 -12.83 -26.86
O3 SO4 C . -1.30 -10.45 -26.72
O4 SO4 C . 0.79 -11.51 -26.25
S SO4 D . -5.46 -0.43 31.32
O1 SO4 D . -5.92 -1.07 32.55
O2 SO4 D . -5.85 -1.23 30.17
O3 SO4 D . -6.03 0.90 31.22
O4 SO4 D . -4.00 -0.34 31.33
S SO4 E . -12.74 9.43 17.23
O1 SO4 E . -11.53 9.64 18.03
O2 SO4 E . -13.84 9.02 18.09
O3 SO4 E . -13.09 10.66 16.51
O4 SO4 E . -12.46 8.38 16.26
C1 IPA F . 15.46 0.08 -1.52
C2 IPA F . 14.98 0.75 -2.81
C3 IPA F . 15.89 1.93 -3.13
O2 IPA F . 15.01 -0.17 -3.87
#